data_5E4K
#
_entry.id   5E4K
#
_cell.length_a   74.940
_cell.length_b   74.940
_cell.length_c   224.570
_cell.angle_alpha   90.00
_cell.angle_beta   90.00
_cell.angle_gamma   90.00
#
_symmetry.space_group_name_H-M   'P 41 21 2'
#
loop_
_entity.id
_entity.type
_entity.pdbx_description
1 polymer 'C-type mannose receptor 2'
2 non-polymer 'CALCIUM ION'
3 non-polymer 'SODIUM ION'
4 non-polymer 2-acetamido-2-deoxy-beta-D-glucopyranose
5 non-polymer 'PENTAETHYLENE GLYCOL'
6 non-polymer 3,6,9,12,15,18,21,24-OCTAOXAHEXACOSAN-1-OL
7 water water
#
_entity_poly.entity_id   1
_entity_poly.type   'polypeptide(L)'
_entity_poly.pdbx_seq_one_letter_code
;RSGAPGDAALPEPNIFLIFSHGLQGCLEAQGGQVRVTPACNTSLPAQRWKWVSRNRLFNLGTMQCLGTGWPGTNTTASLG
MYECDREALNLRWHCRTLGDQLSLLLGARTSNISKPGTLERGDQTRSGQWRIYGSEEDLCALPYHEVYTIQGNSHGKPCT
IPFKYDNQWFHGCTSTGREDGHLWCATTQDYGKDERWGFCPIKSNDCETFWDKDQLTDSCYQFNFQSTLSWREAWASCEQ
QGADLLSITEIHEQTYINGLLTGYSSTLWIGLNDLDTSGGWQWSDNSPLKYLNWESDQPDNPSEENCGVIRTESSGGWQN
RDCSIALPYVCKKKPNATAEPTPPDRWANVKVECEPSWQPFQGHCYRLQAEKRSWQESKKACLRGGGDLVSIHSMAELEF
ITKQIKQEVEELWIGLNDLKLQMNFEWSDGSLVSFTHWHPFEPNNFRDSLEDCVTIWGPEGRWNDSPCNQSLPSICKKAG
QLTRTGHHHHHH
;
_entity_poly.pdbx_strand_id   A
#
loop_
_chem_comp.id
_chem_comp.type
_chem_comp.name
_chem_comp.formula
1PE non-polymer 'PENTAETHYLENE GLYCOL' 'C10 H22 O6'
CA non-polymer 'CALCIUM ION' 'Ca 2'
NA non-polymer 'SODIUM ION' 'Na 1'
NAG D-saccharide, beta linking 2-acetamido-2-deoxy-beta-D-glucopyranose 'C8 H15 N O6'
PE5 non-polymer 3,6,9,12,15,18,21,24-OCTAOXAHEXACOSAN-1-OL 'C18 H38 O9'
#
# COMPACT_ATOMS: atom_id res chain seq x y z
N ALA A 9 7.64 -13.88 23.74
CA ALA A 9 8.82 -13.30 23.13
C ALA A 9 8.44 -12.17 22.17
N LEU A 10 7.53 -12.49 21.25
CA LEU A 10 7.10 -11.63 20.15
C LEU A 10 5.72 -11.04 20.45
N PRO A 11 5.18 -10.16 19.60
CA PRO A 11 3.78 -9.74 19.75
C PRO A 11 2.83 -10.74 19.09
N GLU A 12 1.53 -10.52 19.32
CA GLU A 12 0.50 -11.46 18.86
C GLU A 12 -0.80 -10.70 18.55
N PRO A 13 -0.83 -9.92 17.47
CA PRO A 13 -1.95 -8.98 17.28
C PRO A 13 -3.30 -9.64 17.05
N ASN A 14 -3.31 -10.86 16.52
CA ASN A 14 -4.56 -11.49 16.12
C ASN A 14 -5.10 -12.49 17.13
N ILE A 15 -4.47 -12.67 18.29
CA ILE A 15 -4.99 -13.63 19.25
C ILE A 15 -6.03 -12.93 20.14
N PHE A 16 -7.07 -13.65 20.52
CA PHE A 16 -8.16 -13.08 21.29
C PHE A 16 -8.70 -14.13 22.25
N LEU A 17 -9.51 -13.68 23.23
CA LEU A 17 -10.26 -14.57 24.10
C LEU A 17 -11.70 -14.64 23.62
N ILE A 18 -12.33 -15.79 23.81
CA ILE A 18 -13.67 -16.04 23.31
C ILE A 18 -14.57 -16.06 24.52
N PHE A 19 -15.43 -15.06 24.64
CA PHE A 19 -16.15 -14.77 25.88
C PHE A 19 -17.65 -14.87 25.67
N SER A 20 -18.31 -15.65 26.54
CA SER A 20 -19.76 -15.83 26.48
C SER A 20 -20.47 -14.85 27.39
N HIS A 21 -21.35 -14.04 26.81
CA HIS A 21 -22.30 -13.22 27.55
C HIS A 21 -23.54 -14.01 27.96
N GLY A 22 -23.78 -15.18 27.36
CA GLY A 22 -24.79 -16.11 27.83
C GLY A 22 -24.44 -16.55 29.25
N LEU A 23 -23.24 -17.10 29.39
CA LEU A 23 -22.73 -17.53 30.67
C LEU A 23 -21.98 -16.27 31.10
N GLN A 24 -21.16 -16.29 32.13
CA GLN A 24 -20.18 -15.21 32.18
C GLN A 24 -18.81 -15.88 32.31
N GLY A 25 -18.15 -16.02 31.18
CA GLY A 25 -16.81 -16.56 31.16
C GLY A 25 -16.35 -16.76 29.73
N CYS A 26 -15.08 -17.11 29.62
CA CYS A 26 -14.46 -17.20 28.32
C CYS A 26 -13.78 -18.54 28.15
N LEU A 27 -13.65 -18.94 26.90
CA LEU A 27 -13.41 -20.33 26.57
C LEU A 27 -11.96 -20.68 26.83
N GLU A 28 -11.72 -21.86 27.40
CA GLU A 28 -10.34 -22.29 27.58
C GLU A 28 -10.23 -23.78 27.34
N ALA A 29 -8.97 -24.20 27.10
CA ALA A 29 -8.62 -25.59 26.92
C ALA A 29 -7.74 -26.01 28.09
N GLN A 30 -8.34 -26.78 29.01
CA GLN A 30 -7.72 -27.30 30.22
C GLN A 30 -7.78 -28.82 30.14
N GLY A 31 -6.74 -29.49 30.67
CA GLY A 31 -6.83 -30.91 30.45
C GLY A 31 -6.81 -31.12 28.95
N GLY A 32 -7.57 -32.11 28.50
CA GLY A 32 -7.76 -32.33 27.09
C GLY A 32 -8.95 -31.60 26.53
N GLN A 33 -9.78 -31.01 27.39
CA GLN A 33 -11.14 -30.58 27.06
C GLN A 33 -11.21 -29.04 27.10
N VAL A 34 -12.38 -28.51 26.75
CA VAL A 34 -12.64 -27.08 26.66
C VAL A 34 -13.87 -26.72 27.48
N ARG A 35 -13.73 -25.73 28.36
CA ARG A 35 -14.85 -25.29 29.19
C ARG A 35 -14.91 -23.76 29.21
N VAL A 36 -15.93 -23.24 29.86
CA VAL A 36 -16.07 -21.79 30.09
C VAL A 36 -15.52 -21.45 31.46
N THR A 37 -14.61 -20.48 31.53
CA THR A 37 -14.06 -20.06 32.80
C THR A 37 -14.47 -18.63 33.12
N PRO A 38 -15.16 -18.41 34.24
CA PRO A 38 -15.44 -17.05 34.71
C PRO A 38 -14.20 -16.27 35.10
N ALA A 39 -13.08 -16.98 35.26
CA ALA A 39 -11.78 -16.50 35.68
C ALA A 39 -11.00 -15.88 34.52
N CYS A 40 -11.70 -15.28 33.55
CA CYS A 40 -11.09 -14.79 32.31
C CYS A 40 -9.72 -14.15 32.54
N ASN A 41 -8.75 -14.60 31.76
CA ASN A 41 -7.37 -14.12 31.89
C ASN A 41 -6.75 -14.01 30.50
N THR A 42 -6.30 -12.80 30.17
CA THR A 42 -5.62 -12.58 28.91
C THR A 42 -4.23 -13.21 28.90
N SER A 43 -3.68 -13.53 30.05
CA SER A 43 -2.29 -13.97 30.07
C SER A 43 -2.15 -15.47 29.98
N LEU A 44 -3.24 -16.21 30.11
CA LEU A 44 -3.15 -17.66 30.24
C LEU A 44 -3.29 -18.30 28.87
N PRO A 45 -2.25 -18.95 28.36
CA PRO A 45 -2.30 -19.54 27.01
C PRO A 45 -3.48 -20.46 26.74
N ALA A 46 -4.11 -21.00 27.77
CA ALA A 46 -5.26 -21.88 27.53
C ALA A 46 -6.48 -21.12 27.05
N GLN A 47 -6.55 -19.81 27.32
CA GLN A 47 -7.76 -19.03 27.06
C GLN A 47 -7.69 -18.22 25.78
N ARG A 48 -6.56 -18.24 25.08
CA ARG A 48 -6.33 -17.34 23.97
C ARG A 48 -6.25 -18.07 22.64
N TRP A 49 -7.00 -17.56 21.67
CA TRP A 49 -7.32 -18.25 20.44
C TRP A 49 -6.79 -17.46 19.26
N LYS A 50 -6.52 -18.15 18.16
CA LYS A 50 -6.04 -17.51 16.94
C LYS A 50 -6.67 -18.22 15.77
N TRP A 51 -7.32 -17.49 14.88
CA TRP A 51 -7.75 -18.11 13.63
C TRP A 51 -6.53 -18.48 12.80
N VAL A 52 -6.50 -19.71 12.31
CA VAL A 52 -5.42 -20.09 11.43
C VAL A 52 -6.05 -20.49 10.11
N SER A 53 -5.23 -21.01 9.20
CA SER A 53 -5.68 -21.28 7.85
C SER A 53 -6.68 -22.46 7.87
N ARG A 54 -7.46 -22.55 6.79
CA ARG A 54 -8.43 -23.64 6.56
C ARG A 54 -9.51 -23.65 7.64
N ASN A 55 -9.91 -22.45 8.08
CA ASN A 55 -11.05 -22.22 8.99
C ASN A 55 -10.85 -22.89 10.33
N ARG A 56 -9.61 -22.95 10.80
CA ARG A 56 -9.29 -23.63 12.05
C ARG A 56 -9.00 -22.62 13.17
N LEU A 57 -9.34 -23.02 14.40
CA LEU A 57 -9.20 -22.19 15.59
C LEU A 57 -8.15 -22.82 16.46
N PHE A 58 -7.04 -22.14 16.61
CA PHE A 58 -5.87 -22.69 17.28
C PHE A 58 -5.83 -22.12 18.71
N ASN A 59 -5.54 -22.99 19.68
CA ASN A 59 -5.39 -22.61 21.07
C ASN A 59 -3.92 -22.72 21.47
N LEU A 60 -3.39 -21.65 22.08
CA LEU A 60 -1.94 -21.50 22.26
C LEU A 60 -1.38 -22.33 23.41
N GLY A 61 -2.17 -22.63 24.45
CA GLY A 61 -1.67 -23.50 25.50
C GLY A 61 -1.59 -24.95 25.03
N THR A 62 -2.65 -25.45 24.41
CA THR A 62 -2.64 -26.80 23.87
C THR A 62 -1.76 -26.93 22.64
N MET A 63 -1.46 -25.82 21.96
CA MET A 63 -0.83 -25.85 20.64
C MET A 63 -1.58 -26.79 19.71
N GLN A 64 -2.92 -26.76 19.80
CA GLN A 64 -3.77 -27.68 19.05
C GLN A 64 -4.98 -26.91 18.54
N CYS A 65 -5.85 -27.59 17.80
CA CYS A 65 -7.02 -26.98 17.17
C CYS A 65 -8.32 -27.53 17.72
N LEU A 66 -9.26 -26.62 17.87
CA LEU A 66 -10.58 -27.00 18.33
C LEU A 66 -11.16 -27.99 17.33
N GLY A 67 -11.87 -28.98 17.83
CA GLY A 67 -12.43 -30.02 17.00
C GLY A 67 -13.68 -30.62 17.61
N THR A 68 -14.46 -31.27 16.74
CA THR A 68 -15.62 -32.06 17.15
C THR A 68 -15.74 -33.40 16.43
N ALA A 77 -22.63 -33.48 19.43
CA ALA A 77 -21.36 -34.15 19.72
C ALA A 77 -20.72 -33.53 20.97
N SER A 78 -19.50 -33.01 20.81
CA SER A 78 -18.69 -32.56 21.95
C SER A 78 -17.70 -31.52 21.44
N LEU A 79 -16.55 -31.41 22.11
CA LEU A 79 -15.53 -30.44 21.76
C LEU A 79 -14.23 -31.00 22.30
N GLY A 80 -13.15 -30.71 21.58
CA GLY A 80 -11.86 -31.25 21.97
C GLY A 80 -10.73 -30.45 21.36
N MET A 81 -9.54 -30.64 21.93
CA MET A 81 -8.32 -30.14 21.34
C MET A 81 -7.62 -31.29 20.61
N TYR A 82 -7.31 -31.08 19.33
CA TYR A 82 -6.71 -32.10 18.48
C TYR A 82 -5.60 -31.47 17.67
N GLU A 83 -4.56 -32.27 17.36
CA GLU A 83 -3.53 -31.79 16.45
C GLU A 83 -4.09 -31.40 15.09
N CYS A 84 -3.64 -30.25 14.60
CA CYS A 84 -4.21 -29.63 13.41
C CYS A 84 -3.86 -30.34 12.12
N ASP A 85 -2.94 -31.32 12.12
CA ASP A 85 -2.75 -32.15 10.91
C ASP A 85 -4.04 -32.88 10.60
N ARG A 86 -4.81 -33.17 11.60
CA ARG A 86 -5.75 -34.27 11.68
C ARG A 86 -6.98 -33.79 10.93
N GLU A 87 -6.76 -33.01 9.86
CA GLU A 87 -7.91 -32.72 9.04
C GLU A 87 -8.42 -34.00 8.41
N ALA A 88 -9.57 -34.27 9.01
CA ALA A 88 -10.48 -35.39 9.14
C ALA A 88 -11.29 -34.75 10.27
N LEU A 89 -12.23 -35.45 10.90
CA LEU A 89 -12.96 -34.90 12.06
C LEU A 89 -13.74 -33.71 11.54
N ASN A 90 -13.55 -32.53 12.09
CA ASN A 90 -14.08 -31.34 11.45
C ASN A 90 -13.03 -30.26 11.33
N LEU A 91 -12.78 -29.64 12.47
CA LEU A 91 -11.84 -28.56 12.78
C LEU A 91 -12.22 -27.34 11.94
N ARG A 92 -13.23 -27.47 11.07
CA ARG A 92 -13.64 -26.37 10.19
C ARG A 92 -14.67 -25.56 10.96
N TRP A 93 -14.40 -24.29 11.19
CA TRP A 93 -15.37 -23.37 11.80
C TRP A 93 -15.52 -22.11 10.98
N HIS A 94 -16.73 -21.59 10.96
CA HIS A 94 -17.02 -20.34 10.29
C HIS A 94 -17.39 -19.31 11.35
N CYS A 95 -16.77 -18.13 11.29
CA CYS A 95 -16.90 -17.18 12.40
C CYS A 95 -18.30 -16.64 12.61
N ARG A 96 -19.17 -16.62 11.59
CA ARG A 96 -20.53 -16.13 11.80
C ARG A 96 -21.37 -17.08 12.64
N THR A 97 -21.16 -18.38 12.45
CA THR A 97 -21.92 -19.42 13.12
C THR A 97 -21.22 -19.97 14.33
N LEU A 98 -20.02 -19.47 14.63
CA LEU A 98 -19.22 -20.11 15.67
C LEU A 98 -19.94 -20.00 17.00
N GLY A 99 -20.50 -18.81 17.30
CA GLY A 99 -21.21 -18.62 18.55
C GLY A 99 -22.39 -19.56 18.70
N ASP A 100 -23.26 -19.65 17.68
CA ASP A 100 -24.38 -20.57 17.73
C ASP A 100 -23.94 -22.00 17.98
N GLN A 101 -22.78 -22.38 17.42
CA GLN A 101 -22.33 -23.75 17.62
C GLN A 101 -21.83 -23.95 19.05
N LEU A 102 -21.07 -22.99 19.59
CA LEU A 102 -20.68 -23.14 20.99
C LEU A 102 -21.89 -23.23 21.91
N SER A 103 -22.92 -22.40 21.67
CA SER A 103 -24.15 -22.49 22.46
C SER A 103 -24.79 -23.86 22.36
N LEU A 104 -24.80 -24.45 21.16
CA LEU A 104 -25.49 -25.73 21.02
C LEU A 104 -24.67 -26.88 21.63
N LEU A 105 -23.35 -26.88 21.40
CA LEU A 105 -22.54 -28.01 21.86
C LEU A 105 -21.99 -27.88 23.29
N LEU A 106 -21.97 -26.71 23.90
CA LEU A 106 -21.29 -26.68 25.19
C LEU A 106 -22.16 -27.32 26.28
N GLN A 129 -24.61 -13.92 22.25
CA GLN A 129 -24.02 -14.75 23.32
C GLN A 129 -22.51 -14.52 23.39
N TRP A 130 -21.80 -14.80 22.30
CA TRP A 130 -20.35 -14.87 22.33
C TRP A 130 -19.74 -13.70 21.58
N ARG A 131 -18.69 -13.12 22.17
CA ARG A 131 -17.97 -12.00 21.58
C ARG A 131 -16.49 -12.18 21.85
N ILE A 132 -15.67 -11.38 21.19
CA ILE A 132 -14.28 -11.26 21.57
C ILE A 132 -14.20 -10.57 22.91
N TYR A 133 -13.35 -11.08 23.80
CA TYR A 133 -13.32 -10.58 25.16
C TYR A 133 -12.79 -9.15 25.21
N GLY A 134 -13.56 -8.28 25.86
CA GLY A 134 -13.13 -6.97 26.22
C GLY A 134 -13.40 -5.90 25.18
N SER A 135 -13.34 -6.24 23.90
CA SER A 135 -13.86 -5.31 22.91
C SER A 135 -15.31 -5.59 22.60
N GLU A 136 -15.79 -6.76 23.02
CA GLU A 136 -17.18 -7.18 22.80
C GLU A 136 -17.56 -7.16 21.32
N GLU A 137 -16.59 -7.27 20.42
CA GLU A 137 -16.96 -7.26 19.01
C GLU A 137 -17.24 -8.69 18.51
N ASP A 138 -17.73 -8.78 17.27
CA ASP A 138 -18.18 -10.05 16.76
C ASP A 138 -16.97 -10.93 16.48
N LEU A 139 -17.22 -12.17 16.10
CA LEU A 139 -16.12 -13.13 16.11
C LEU A 139 -15.38 -13.14 14.77
N CYS A 140 -15.82 -12.31 13.83
CA CYS A 140 -15.15 -12.14 12.55
C CYS A 140 -14.14 -10.99 12.57
N ALA A 141 -14.00 -10.29 13.68
CA ALA A 141 -13.16 -9.10 13.76
C ALA A 141 -11.67 -9.38 13.58
N LEU A 142 -11.18 -10.59 13.84
CA LEU A 142 -9.75 -10.90 13.69
C LEU A 142 -9.60 -12.10 12.77
N PRO A 143 -9.85 -11.92 11.49
CA PRO A 143 -9.79 -13.04 10.55
C PRO A 143 -8.35 -13.41 10.22
N TYR A 144 -8.20 -14.64 9.78
CA TYR A 144 -6.91 -15.10 9.30
C TYR A 144 -6.51 -14.37 8.04
N HIS A 145 -5.31 -13.79 8.04
CA HIS A 145 -4.73 -13.16 6.86
C HIS A 145 -3.49 -13.92 6.39
N GLU A 146 -3.28 -13.97 5.08
CA GLU A 146 -2.05 -14.57 4.57
C GLU A 146 -0.85 -13.63 4.68
N VAL A 147 0.32 -14.22 4.86
CA VAL A 147 1.57 -13.52 5.12
C VAL A 147 2.62 -13.99 4.13
N TYR A 148 3.05 -13.11 3.24
CA TYR A 148 3.89 -13.53 2.13
C TYR A 148 5.34 -13.59 2.58
N THR A 149 6.09 -14.53 2.02
CA THR A 149 7.40 -14.84 2.54
C THR A 149 8.47 -14.17 1.69
N ILE A 150 9.50 -13.71 2.36
CA ILE A 150 10.60 -12.99 1.75
C ILE A 150 11.72 -13.99 1.53
N GLN A 151 12.24 -14.02 0.31
CA GLN A 151 13.33 -14.90 -0.15
C GLN A 151 12.89 -16.35 0.09
N GLY A 152 13.81 -17.22 0.52
CA GLY A 152 13.55 -18.65 0.56
C GLY A 152 13.31 -19.24 -0.83
N ASN A 153 12.86 -20.50 -0.82
CA ASN A 153 12.59 -21.28 -2.03
C ASN A 153 11.13 -21.32 -2.45
N SER A 154 10.24 -20.60 -1.78
CA SER A 154 8.80 -20.71 -2.02
C SER A 154 8.25 -19.65 -2.94
N HIS A 155 9.10 -18.84 -3.59
CA HIS A 155 8.65 -17.82 -4.55
C HIS A 155 7.71 -16.80 -3.92
N GLY A 156 7.88 -16.53 -2.63
CA GLY A 156 7.03 -15.58 -1.99
C GLY A 156 5.75 -16.14 -1.44
N LYS A 157 5.49 -17.45 -1.66
CA LYS A 157 4.24 -18.10 -1.26
C LYS A 157 3.94 -17.85 0.20
N PRO A 158 2.67 -17.76 0.58
CA PRO A 158 2.33 -17.42 1.97
C PRO A 158 2.63 -18.55 2.95
N CYS A 159 2.95 -18.16 4.17
CA CYS A 159 3.13 -19.12 5.26
C CYS A 159 1.90 -19.99 5.36
N THR A 160 2.12 -21.25 5.67
CA THR A 160 1.05 -22.14 6.06
C THR A 160 1.02 -22.15 7.58
N ILE A 161 -0.03 -21.55 8.14
CA ILE A 161 -0.26 -21.50 9.58
C ILE A 161 -1.42 -22.43 9.95
N PRO A 162 -1.22 -23.35 10.89
CA PRO A 162 0.00 -23.79 11.57
C PRO A 162 0.84 -24.71 10.69
N PHE A 163 2.10 -24.94 11.07
CA PHE A 163 2.96 -25.86 10.35
C PHE A 163 3.84 -26.64 11.31
N LYS A 164 4.27 -27.84 10.90
CA LYS A 164 5.12 -28.69 11.73
C LYS A 164 6.57 -28.55 11.31
N TYR A 165 7.43 -28.36 12.30
CA TYR A 165 8.87 -28.41 12.10
C TYR A 165 9.48 -29.11 13.29
N ASP A 166 10.34 -30.10 12.99
CA ASP A 166 10.95 -30.96 14.00
C ASP A 166 9.88 -31.47 14.95
N ASN A 167 8.73 -31.82 14.39
CA ASN A 167 7.65 -32.49 15.10
C ASN A 167 6.95 -31.57 16.09
N GLN A 168 7.48 -30.37 16.28
CA GLN A 168 6.73 -29.32 16.97
C GLN A 168 5.80 -28.61 16.00
N TRP A 169 4.73 -28.04 16.55
CA TRP A 169 3.79 -27.23 15.77
C TRP A 169 3.99 -25.76 16.07
N PHE A 170 3.87 -24.95 15.03
CA PHE A 170 4.03 -23.52 15.20
C PHE A 170 2.84 -22.80 14.57
N HIS A 171 2.38 -21.78 15.29
CA HIS A 171 1.30 -20.91 14.88
C HIS A 171 1.80 -19.59 14.30
N GLY A 172 3.11 -19.45 14.13
CA GLY A 172 3.65 -18.26 13.49
C GLY A 172 5.14 -18.39 13.27
N CYS A 173 5.76 -17.25 12.97
CA CYS A 173 7.18 -17.20 12.71
C CYS A 173 7.99 -17.61 13.93
N THR A 174 9.09 -18.29 13.69
CA THR A 174 10.09 -18.53 14.73
C THR A 174 11.48 -18.37 14.18
N SER A 175 12.39 -18.17 15.11
CA SER A 175 13.82 -18.14 14.87
C SER A 175 14.45 -19.50 15.12
N THR A 176 13.65 -20.52 15.39
CA THR A 176 14.16 -21.83 15.70
C THR A 176 14.61 -22.53 14.42
N GLY A 177 15.53 -23.48 14.58
CA GLY A 177 16.17 -24.13 13.46
C GLY A 177 17.08 -23.25 12.64
N ARG A 178 17.32 -22.01 13.07
CA ARG A 178 18.14 -21.10 12.31
C ARG A 178 19.20 -20.46 13.17
N GLU A 179 20.44 -20.92 13.08
CA GLU A 179 21.54 -20.04 12.73
C GLU A 179 21.37 -18.61 13.26
N ASP A 180 21.22 -17.75 12.24
CA ASP A 180 21.22 -16.30 12.34
C ASP A 180 20.21 -15.70 13.31
N GLY A 181 19.18 -16.44 13.72
CA GLY A 181 18.18 -15.85 14.57
C GLY A 181 16.97 -15.27 13.85
N HIS A 182 17.02 -15.10 12.54
CA HIS A 182 15.93 -14.46 11.81
C HIS A 182 14.65 -15.28 11.87
N LEU A 183 13.54 -14.61 11.57
CA LEU A 183 12.22 -15.24 11.61
C LEU A 183 11.85 -15.81 10.24
N TRP A 184 11.43 -17.07 10.23
CA TRP A 184 11.02 -17.78 9.02
C TRP A 184 9.78 -18.59 9.34
N CYS A 185 9.06 -19.01 8.29
CA CYS A 185 8.03 -20.04 8.41
C CYS A 185 8.16 -21.04 7.26
N ALA A 186 7.48 -22.18 7.43
CA ALA A 186 7.26 -23.12 6.34
C ALA A 186 6.11 -22.65 5.46
N THR A 187 6.24 -22.89 4.16
CA THR A 187 5.17 -22.61 3.21
C THR A 187 4.38 -23.88 2.88
N THR A 188 4.79 -25.01 3.44
CA THR A 188 4.10 -26.28 3.39
C THR A 188 3.71 -26.65 4.82
N GLN A 189 2.69 -27.49 5.02
CA GLN A 189 2.35 -27.63 6.44
C GLN A 189 3.23 -28.64 7.16
N ASP A 190 4.05 -29.41 6.45
CA ASP A 190 5.11 -30.17 7.10
C ASP A 190 6.43 -29.91 6.41
N TYR A 191 7.31 -29.19 7.12
CA TYR A 191 8.62 -28.84 6.55
C TYR A 191 9.49 -30.07 6.36
N GLY A 192 9.34 -31.07 7.24
CA GLY A 192 10.12 -32.29 7.10
C GLY A 192 9.91 -32.96 5.76
N LYS A 193 8.67 -32.95 5.26
CA LYS A 193 8.38 -33.53 3.95
C LYS A 193 8.82 -32.60 2.83
N ASP A 194 8.14 -31.46 2.67
CA ASP A 194 8.28 -30.64 1.47
C ASP A 194 9.49 -29.71 1.54
N GLU A 195 9.84 -29.24 2.72
CA GLU A 195 11.03 -28.42 2.96
C GLU A 195 10.94 -27.06 2.23
N ARG A 196 9.73 -26.52 2.11
CA ARG A 196 9.51 -25.25 1.43
C ARG A 196 9.26 -24.16 2.47
N TRP A 197 10.14 -23.16 2.52
CA TRP A 197 10.12 -22.15 3.60
C TRP A 197 10.50 -20.78 3.07
N GLY A 198 10.43 -19.79 3.96
CA GLY A 198 10.88 -18.44 3.64
C GLY A 198 10.89 -17.54 4.85
N PHE A 199 11.58 -16.42 4.72
CA PHE A 199 11.61 -15.45 5.82
C PHE A 199 10.26 -14.77 6.00
N CYS A 200 10.03 -14.27 7.21
CA CYS A 200 8.82 -13.55 7.55
C CYS A 200 8.96 -12.05 7.30
N PRO A 201 7.90 -11.40 6.79
CA PRO A 201 7.93 -9.94 6.68
C PRO A 201 8.04 -9.32 8.05
N ILE A 202 8.98 -8.41 8.19
CA ILE A 202 9.19 -7.74 9.45
C ILE A 202 8.76 -6.28 9.31
N LYS A 203 8.05 -5.77 10.30
CA LYS A 203 7.81 -4.33 10.39
C LYS A 203 8.89 -3.74 11.25
N SER A 204 9.78 -3.01 10.60
CA SER A 204 10.98 -2.49 11.19
C SER A 204 11.10 -1.05 10.76
N ASN A 205 11.80 -0.29 11.57
CA ASN A 205 12.16 1.05 11.21
C ASN A 205 13.57 1.06 10.69
N ASP A 206 14.19 -0.11 10.61
CA ASP A 206 15.44 -0.17 9.90
C ASP A 206 15.35 -1.05 8.66
N CYS A 207 16.46 -1.03 7.93
CA CYS A 207 16.68 -1.74 6.69
C CYS A 207 17.50 -3.00 6.82
N GLU A 208 17.78 -3.48 8.05
CA GLU A 208 18.76 -4.55 8.20
C GLU A 208 18.42 -5.73 7.29
N THR A 209 19.42 -6.13 6.50
CA THR A 209 19.67 -7.41 5.82
C THR A 209 18.76 -7.66 4.63
N PHE A 210 17.57 -7.06 4.59
CA PHE A 210 16.61 -7.29 3.52
C PHE A 210 16.43 -6.11 2.57
N TRP A 211 17.24 -5.06 2.67
CA TRP A 211 17.00 -3.84 1.89
C TRP A 211 18.30 -3.31 1.31
N ASP A 212 18.21 -2.69 0.13
CA ASP A 212 19.23 -1.76 -0.35
C ASP A 212 18.90 -0.32 0.04
N LYS A 213 19.91 0.35 0.57
CA LYS A 213 19.82 1.75 0.93
C LYS A 213 20.51 2.59 -0.12
N ASP A 214 19.82 3.62 -0.61
CA ASP A 214 20.49 4.62 -1.42
C ASP A 214 21.21 5.54 -0.44
N GLN A 215 22.54 5.62 -0.55
CA GLN A 215 23.29 6.40 0.40
C GLN A 215 22.94 7.87 0.31
N LEU A 216 22.50 8.31 -0.86
CA LEU A 216 22.31 9.75 -1.01
C LEU A 216 21.00 10.19 -0.38
N THR A 217 19.90 9.45 -0.59
CA THR A 217 18.60 9.82 -0.04
C THR A 217 18.21 9.11 1.24
N ASP A 218 18.97 8.12 1.69
CA ASP A 218 18.56 7.24 2.78
C ASP A 218 17.21 6.55 2.54
N SER A 219 16.77 6.39 1.30
CA SER A 219 15.61 5.54 1.07
C SER A 219 16.05 4.08 0.96
N CYS A 220 15.19 3.19 1.43
CA CYS A 220 15.46 1.75 1.38
C CYS A 220 14.56 1.05 0.37
N TYR A 221 15.13 0.06 -0.31
CA TYR A 221 14.46 -0.68 -1.38
C TYR A 221 14.61 -2.18 -1.20
N GLN A 222 13.63 -2.94 -1.66
CA GLN A 222 13.66 -4.40 -1.64
C GLN A 222 13.23 -4.89 -3.00
N PHE A 223 14.11 -5.58 -3.72
CA PHE A 223 13.74 -6.19 -5.00
C PHE A 223 13.53 -7.69 -4.80
N ASN A 224 12.28 -8.14 -4.88
CA ASN A 224 11.96 -9.55 -4.69
C ASN A 224 11.77 -10.13 -6.09
N PHE A 225 12.88 -10.68 -6.62
CA PHE A 225 12.92 -11.26 -7.97
C PHE A 225 12.37 -12.69 -8.00
N GLN A 226 12.58 -13.45 -6.93
CA GLN A 226 12.11 -14.83 -6.93
C GLN A 226 10.61 -14.88 -6.79
N SER A 227 10.05 -13.91 -6.09
CA SER A 227 8.62 -13.92 -5.84
C SER A 227 7.86 -13.79 -7.15
N THR A 228 6.69 -14.40 -7.16
CA THR A 228 5.71 -14.18 -8.20
C THR A 228 4.42 -13.93 -7.46
N LEU A 229 3.97 -12.69 -7.42
CA LEU A 229 2.75 -12.33 -6.71
C LEU A 229 1.91 -11.44 -7.61
N SER A 230 0.60 -11.51 -7.42
CA SER A 230 -0.30 -10.53 -8.00
C SER A 230 -0.03 -9.18 -7.39
N TRP A 231 -0.46 -8.13 -8.09
CA TRP A 231 -0.19 -6.78 -7.62
C TRP A 231 -0.75 -6.59 -6.22
N ARG A 232 -1.97 -7.03 -5.98
CA ARG A 232 -2.57 -6.85 -4.65
C ARG A 232 -1.83 -7.65 -3.58
N GLU A 233 -1.31 -8.83 -3.90
CA GLU A 233 -0.54 -9.56 -2.91
C GLU A 233 0.80 -8.88 -2.64
N ALA A 234 1.42 -8.31 -3.70
CA ALA A 234 2.65 -7.53 -3.51
C ALA A 234 2.37 -6.32 -2.63
N TRP A 235 1.32 -5.56 -2.95
CA TRP A 235 0.85 -4.51 -2.09
C TRP A 235 0.80 -4.98 -0.66
N ALA A 236 0.14 -6.11 -0.43
CA ALA A 236 -0.02 -6.61 0.93
C ALA A 236 1.34 -6.96 1.53
N SER A 237 2.28 -7.43 0.72
CA SER A 237 3.58 -7.86 1.25
C SER A 237 4.42 -6.66 1.69
N CYS A 238 4.46 -5.61 0.87
CA CYS A 238 5.18 -4.42 1.29
C CYS A 238 4.50 -3.78 2.50
N GLU A 239 3.17 -3.86 2.56
CA GLU A 239 2.48 -3.33 3.72
C GLU A 239 2.87 -4.13 4.97
N GLN A 240 2.98 -5.45 4.85
CA GLN A 240 3.36 -6.29 5.99
C GLN A 240 4.75 -5.97 6.52
N GLN A 241 5.65 -5.44 5.70
CA GLN A 241 6.96 -5.09 6.20
C GLN A 241 7.00 -3.65 6.72
N GLY A 242 5.84 -3.01 6.89
CA GLY A 242 5.81 -1.63 7.30
C GLY A 242 6.26 -0.71 6.20
N ALA A 243 6.15 -1.15 4.96
CA ALA A 243 6.70 -0.50 3.79
C ALA A 243 5.56 -0.26 2.82
N ASP A 244 5.91 0.11 1.60
CA ASP A 244 4.91 0.25 0.56
C ASP A 244 5.58 -0.02 -0.78
N LEU A 245 4.76 -0.35 -1.79
CA LEU A 245 5.28 -0.62 -3.13
C LEU A 245 6.04 0.59 -3.67
N LEU A 246 7.02 0.30 -4.54
CA LEU A 246 7.91 1.30 -5.10
C LEU A 246 7.16 2.45 -5.75
N SER A 247 7.48 3.68 -5.32
CA SER A 247 7.12 4.89 -6.06
C SER A 247 8.40 5.58 -6.54
N ILE A 248 8.39 6.00 -7.79
CA ILE A 248 9.51 6.68 -8.40
C ILE A 248 9.06 8.13 -8.54
N THR A 249 9.57 9.00 -7.69
CA THR A 249 9.13 10.38 -7.64
C THR A 249 10.05 11.35 -8.34
N GLU A 250 11.09 10.90 -9.01
CA GLU A 250 12.05 11.84 -9.55
C GLU A 250 13.09 11.09 -10.36
N ILE A 251 13.82 11.84 -11.19
CA ILE A 251 14.74 11.19 -12.10
C ILE A 251 15.89 10.53 -11.33
N HIS A 252 16.35 11.13 -10.23
CA HIS A 252 17.39 10.48 -9.45
C HIS A 252 16.94 9.10 -9.00
N GLU A 253 15.80 9.03 -8.34
CA GLU A 253 15.27 7.76 -7.88
C GLU A 253 15.23 6.75 -9.02
N GLN A 254 14.68 7.16 -10.16
CA GLN A 254 14.66 6.31 -11.34
C GLN A 254 16.05 5.77 -11.69
N THR A 255 17.05 6.65 -11.75
CA THR A 255 18.37 6.18 -12.17
C THR A 255 19.01 5.29 -11.12
N TYR A 256 18.79 5.56 -9.83
CA TYR A 256 19.23 4.62 -8.80
C TYR A 256 18.61 3.25 -9.03
N ILE A 257 17.30 3.21 -9.29
CA ILE A 257 16.62 1.94 -9.57
C ILE A 257 17.28 1.23 -10.75
N ASN A 258 17.41 1.92 -11.88
CA ASN A 258 18.14 1.37 -13.02
C ASN A 258 19.48 0.81 -12.56
N GLY A 259 20.15 1.52 -11.64
CA GLY A 259 21.48 1.13 -11.24
C GLY A 259 21.49 -0.19 -10.51
N LEU A 260 20.44 -0.43 -9.72
CA LEU A 260 20.32 -1.70 -9.02
C LEU A 260 19.84 -2.81 -9.93
N LEU A 261 19.15 -2.48 -11.02
CA LEU A 261 18.66 -3.48 -11.96
C LEU A 261 19.68 -3.89 -13.02
N THR A 262 20.87 -3.29 -13.04
CA THR A 262 21.84 -3.65 -14.07
C THR A 262 22.25 -5.10 -13.94
N GLY A 263 22.09 -5.85 -15.02
CA GLY A 263 22.46 -7.25 -15.08
C GLY A 263 21.31 -8.23 -15.09
N TYR A 264 20.08 -7.78 -14.86
CA TYR A 264 18.89 -8.64 -14.77
C TYR A 264 17.96 -8.41 -15.95
N SER A 265 17.14 -9.44 -16.22
CA SER A 265 15.98 -9.27 -17.09
C SER A 265 14.74 -9.67 -16.31
N SER A 266 13.78 -8.75 -16.22
CA SER A 266 12.76 -8.88 -15.20
C SER A 266 11.72 -7.79 -15.39
N THR A 267 10.51 -8.05 -14.89
CA THR A 267 9.41 -7.09 -14.94
C THR A 267 8.75 -7.13 -13.58
N LEU A 268 8.75 -6.01 -12.87
CA LEU A 268 8.35 -6.07 -11.47
C LEU A 268 7.21 -5.10 -11.22
N TRP A 269 6.42 -5.42 -10.19
CA TRP A 269 5.37 -4.49 -9.80
C TRP A 269 5.96 -3.25 -9.15
N ILE A 270 5.33 -2.12 -9.44
CA ILE A 270 5.60 -0.88 -8.74
C ILE A 270 4.27 -0.37 -8.20
N GLY A 271 4.33 0.71 -7.43
CA GLY A 271 3.11 1.18 -6.79
C GLY A 271 2.15 1.90 -7.71
N LEU A 272 2.53 2.13 -8.96
CA LEU A 272 1.73 2.90 -9.89
C LEU A 272 0.49 2.11 -10.28
N ASN A 273 -0.69 2.68 -10.07
CA ASN A 273 -1.86 1.91 -10.43
C ASN A 273 -3.03 2.80 -10.79
N ASP A 274 -3.91 2.23 -11.60
CA ASP A 274 -5.08 2.84 -12.22
C ASP A 274 -6.37 2.56 -11.41
N LEU A 275 -6.28 1.80 -10.32
CA LEU A 275 -7.46 1.12 -9.78
C LEU A 275 -8.46 2.08 -9.14
N ASP A 276 -7.99 2.94 -8.24
CA ASP A 276 -8.86 3.64 -7.29
C ASP A 276 -9.97 4.41 -8.02
N THR A 277 -9.66 5.02 -9.16
CA THR A 277 -10.66 5.52 -10.08
C THR A 277 -10.07 5.45 -11.48
N SER A 278 -10.89 5.10 -12.47
CA SER A 278 -10.37 4.54 -13.73
C SER A 278 -9.75 5.64 -14.59
N GLY A 279 -8.48 5.45 -14.96
CA GLY A 279 -7.75 6.38 -15.79
C GLY A 279 -6.88 7.37 -15.03
N GLY A 280 -7.19 7.63 -13.76
CA GLY A 280 -6.29 8.49 -13.04
C GLY A 280 -5.29 7.60 -12.35
N TRP A 281 -4.02 7.85 -12.64
CA TRP A 281 -2.91 7.10 -12.08
C TRP A 281 -2.50 7.67 -10.74
N GLN A 282 -2.15 6.77 -9.82
CA GLN A 282 -1.78 7.13 -8.48
C GLN A 282 -0.61 6.25 -8.04
N TRP A 283 0.19 6.75 -7.11
CA TRP A 283 1.17 5.93 -6.42
C TRP A 283 0.50 5.28 -5.23
N SER A 284 0.88 4.03 -4.96
CA SER A 284 0.31 3.28 -3.86
C SER A 284 0.47 4.04 -2.55
N ASP A 285 1.71 4.37 -2.19
CA ASP A 285 1.91 5.39 -1.18
C ASP A 285 1.47 6.71 -1.78
N ASN A 286 1.21 7.69 -0.96
CA ASN A 286 0.43 8.74 -1.60
C ASN A 286 1.29 9.74 -2.43
N SER A 287 2.51 9.38 -2.84
CA SER A 287 3.41 10.32 -3.50
C SER A 287 2.71 11.06 -4.65
N PRO A 288 3.01 12.33 -4.84
CA PRO A 288 2.44 13.04 -5.99
C PRO A 288 3.00 12.44 -7.26
N LEU A 289 2.21 12.52 -8.34
CA LEU A 289 2.73 11.97 -9.58
C LEU A 289 3.47 13.14 -10.22
N LYS A 290 4.74 13.24 -9.87
CA LYS A 290 5.59 14.35 -10.26
C LYS A 290 6.56 14.01 -11.39
N TYR A 291 6.84 12.74 -11.57
CA TYR A 291 7.83 12.22 -12.50
C TYR A 291 7.22 11.05 -13.26
N LEU A 292 7.44 11.01 -14.57
CA LEU A 292 6.86 9.98 -15.43
C LEU A 292 7.92 9.37 -16.33
N ASN A 293 8.09 8.06 -16.21
CA ASN A 293 8.97 7.27 -17.05
C ASN A 293 8.24 6.33 -18.03
N TRP A 294 6.97 6.58 -18.35
CA TRP A 294 6.26 5.64 -19.22
C TRP A 294 7.08 5.29 -20.46
N GLU A 295 7.05 4.02 -20.85
CA GLU A 295 7.75 3.66 -22.07
C GLU A 295 6.97 4.18 -23.26
N SER A 296 7.54 4.04 -24.45
CA SER A 296 6.92 4.61 -25.63
C SER A 296 5.59 3.92 -25.89
N ASP A 297 4.54 4.73 -26.01
CA ASP A 297 3.18 4.24 -26.23
C ASP A 297 2.66 3.42 -25.07
N GLN A 298 3.13 3.72 -23.86
CA GLN A 298 2.44 3.33 -22.64
C GLN A 298 1.93 4.61 -22.01
N PRO A 299 0.85 4.51 -21.22
CA PRO A 299 0.05 3.34 -20.90
C PRO A 299 -0.96 2.97 -21.97
N ASP A 300 -1.28 1.69 -22.09
CA ASP A 300 -2.29 1.22 -23.03
C ASP A 300 -3.29 0.33 -22.27
N ASN A 301 -4.22 -0.27 -23.00
CA ASN A 301 -5.29 -1.12 -22.48
C ASN A 301 -5.96 -0.58 -21.20
N PRO A 302 -6.61 0.58 -21.26
CA PRO A 302 -7.15 1.21 -20.03
C PRO A 302 -8.12 0.31 -19.26
N SER A 303 -8.68 -0.70 -19.93
CA SER A 303 -9.74 -1.54 -19.40
C SER A 303 -9.36 -2.56 -18.33
N GLU A 304 -8.62 -3.62 -18.68
CA GLU A 304 -8.05 -4.49 -17.65
C GLU A 304 -6.56 -4.32 -17.32
N GLU A 305 -5.81 -3.37 -17.92
CA GLU A 305 -4.42 -3.16 -17.47
C GLU A 305 -4.38 -1.92 -16.56
N ASN A 306 -4.41 -2.19 -15.26
CA ASN A 306 -4.54 -1.14 -14.27
C ASN A 306 -3.30 -0.92 -13.40
N CYS A 307 -2.24 -1.69 -13.56
CA CYS A 307 -1.13 -1.64 -12.60
C CYS A 307 0.20 -1.53 -13.31
N GLY A 308 1.11 -0.76 -12.74
CA GLY A 308 2.35 -0.49 -13.40
C GLY A 308 3.45 -1.48 -13.05
N VAL A 309 4.37 -1.62 -13.98
CA VAL A 309 5.55 -2.46 -13.77
C VAL A 309 6.73 -1.69 -14.29
N ILE A 310 7.89 -2.00 -13.75
CA ILE A 310 9.14 -1.48 -14.25
C ILE A 310 9.85 -2.62 -14.95
N ARG A 311 10.40 -2.33 -16.13
CA ARG A 311 10.94 -3.33 -17.05
C ARG A 311 12.40 -3.04 -17.31
N THR A 312 13.28 -3.99 -16.93
CA THR A 312 14.66 -3.92 -17.41
C THR A 312 14.71 -3.85 -18.94
N GLU A 313 13.78 -4.55 -19.61
CA GLU A 313 13.70 -4.50 -21.06
C GLU A 313 13.63 -3.07 -21.58
N SER A 314 12.68 -2.27 -21.07
CA SER A 314 12.52 -0.84 -21.37
C SER A 314 13.74 -0.06 -20.89
N SER A 315 14.65 -0.74 -20.20
CA SER A 315 15.68 -0.10 -19.40
C SER A 315 15.03 0.87 -18.40
N GLY A 316 14.32 0.26 -17.44
CA GLY A 316 13.65 0.97 -16.38
C GLY A 316 12.39 1.70 -16.78
N GLY A 317 11.94 1.56 -18.03
CA GLY A 317 10.68 2.15 -18.45
C GLY A 317 9.48 1.47 -17.82
N TRP A 318 8.36 2.17 -17.85
CA TRP A 318 7.17 1.73 -17.15
C TRP A 318 6.17 1.22 -18.16
N GLN A 319 5.42 0.18 -17.77
CA GLN A 319 4.22 -0.21 -18.48
C GLN A 319 3.11 -0.44 -17.47
N ASN A 320 1.86 -0.46 -17.96
CA ASN A 320 0.77 -0.98 -17.16
C ASN A 320 0.38 -2.37 -17.67
N ARG A 321 -0.13 -3.18 -16.73
CA ARG A 321 -0.40 -4.59 -16.95
C ARG A 321 -1.64 -5.00 -16.18
N ASP A 322 -2.03 -6.26 -16.35
CA ASP A 322 -3.21 -6.81 -15.69
C ASP A 322 -2.83 -7.15 -14.25
N CYS A 323 -3.53 -6.55 -13.29
CA CYS A 323 -3.12 -6.62 -11.89
C CYS A 323 -3.16 -8.03 -11.31
N SER A 324 -3.67 -9.01 -12.06
CA SER A 324 -3.76 -10.38 -11.58
C SER A 324 -2.58 -11.28 -11.99
N ILE A 325 -1.71 -10.86 -12.91
CA ILE A 325 -0.56 -11.72 -13.24
C ILE A 325 0.45 -11.72 -12.08
N ALA A 326 1.32 -12.73 -12.06
CA ALA A 326 2.23 -12.93 -10.93
C ALA A 326 3.62 -12.48 -11.33
N LEU A 327 4.07 -11.40 -10.72
CA LEU A 327 5.37 -10.82 -11.00
C LEU A 327 6.21 -10.73 -9.74
N PRO A 328 7.50 -10.60 -9.89
CA PRO A 328 8.35 -10.12 -8.77
C PRO A 328 7.97 -8.68 -8.44
N TYR A 329 8.64 -8.01 -7.49
CA TYR A 329 8.07 -6.71 -7.13
C TYR A 329 9.02 -5.98 -6.17
N VAL A 330 8.81 -4.66 -6.07
CA VAL A 330 9.74 -3.76 -5.39
C VAL A 330 9.03 -3.04 -4.25
N CYS A 331 9.69 -2.97 -3.09
CA CYS A 331 9.18 -2.26 -1.92
C CYS A 331 10.15 -1.15 -1.56
N LYS A 332 9.64 -0.15 -0.83
CA LYS A 332 10.44 0.98 -0.41
C LYS A 332 9.97 1.44 0.95
N LYS A 333 10.88 2.07 1.66
CA LYS A 333 10.44 2.90 2.78
C LYS A 333 11.52 3.94 3.08
N LYS A 334 11.09 5.01 3.75
CA LYS A 334 11.99 6.03 4.31
C LYS A 334 11.67 6.22 5.78
N PRO A 335 12.33 5.48 6.67
CA PRO A 335 12.17 5.66 8.12
C PRO A 335 12.66 7.03 8.59
N VAL A 352 -0.07 38.64 7.69
CA VAL A 352 0.13 39.87 6.95
C VAL A 352 -0.82 39.84 5.73
N GLU A 353 -2.12 39.95 5.99
CA GLU A 353 -3.11 39.83 4.92
C GLU A 353 -3.10 41.04 3.99
N CYS A 354 -3.71 40.84 2.83
CA CYS A 354 -3.20 41.31 1.55
C CYS A 354 -3.94 42.51 0.97
N GLU A 355 -3.41 42.89 -0.18
CA GLU A 355 -3.87 43.99 -0.99
C GLU A 355 -5.29 43.75 -1.51
N PRO A 356 -6.01 44.82 -1.83
CA PRO A 356 -7.34 44.66 -2.44
C PRO A 356 -7.24 43.90 -3.75
N SER A 357 -8.27 43.11 -4.06
CA SER A 357 -8.45 42.25 -5.26
C SER A 357 -7.74 40.92 -5.10
N TRP A 358 -7.05 40.68 -3.99
CA TRP A 358 -6.48 39.40 -3.66
C TRP A 358 -7.24 38.85 -2.45
N GLN A 359 -7.32 37.53 -2.37
CA GLN A 359 -8.08 36.92 -1.29
C GLN A 359 -7.15 36.02 -0.48
N PRO A 360 -7.33 35.98 0.85
CA PRO A 360 -6.44 35.16 1.70
C PRO A 360 -6.82 33.68 1.65
N PHE A 361 -5.81 32.81 1.62
CA PHE A 361 -5.94 31.43 2.06
C PHE A 361 -4.65 30.98 2.72
N GLN A 362 -4.76 30.47 3.95
CA GLN A 362 -3.69 29.80 4.70
C GLN A 362 -2.33 30.50 4.57
N GLY A 363 -2.27 31.74 5.06
CA GLY A 363 -1.03 32.50 5.03
C GLY A 363 -0.51 32.91 3.68
N HIS A 364 -1.30 32.72 2.64
CA HIS A 364 -0.96 33.12 1.28
C HIS A 364 -2.09 33.95 0.70
N CYS A 365 -1.82 34.62 -0.42
CA CYS A 365 -2.83 35.41 -1.08
C CYS A 365 -2.96 34.99 -2.54
N TYR A 366 -4.18 35.11 -3.08
CA TYR A 366 -4.51 34.52 -4.37
C TYR A 366 -5.32 35.52 -5.18
N ARG A 367 -5.17 35.50 -6.50
CA ARG A 367 -6.12 36.25 -7.29
C ARG A 367 -6.21 35.72 -8.70
N LEU A 368 -7.34 35.98 -9.33
CA LEU A 368 -7.52 35.61 -10.72
C LEU A 368 -6.95 36.72 -11.59
N GLN A 369 -6.23 36.31 -12.61
CA GLN A 369 -5.82 37.13 -13.73
C GLN A 369 -6.62 36.75 -14.96
N ALA A 370 -7.58 37.59 -15.34
CA ALA A 370 -8.57 37.25 -16.34
C ALA A 370 -8.07 37.40 -17.76
N GLU A 371 -6.92 38.03 -17.95
CA GLU A 371 -6.47 38.40 -19.27
C GLU A 371 -5.84 37.15 -19.91
N LYS A 372 -6.39 36.72 -21.04
CA LYS A 372 -5.91 35.51 -21.69
C LYS A 372 -4.51 35.75 -22.28
N ARG A 373 -3.54 34.95 -21.85
CA ARG A 373 -2.15 35.11 -22.25
C ARG A 373 -1.47 33.75 -22.26
N SER A 374 -0.33 33.69 -22.94
CA SER A 374 0.45 32.47 -22.92
C SER A 374 0.86 32.18 -21.48
N TRP A 375 1.23 30.92 -21.20
CA TRP A 375 1.68 30.56 -19.86
C TRP A 375 2.82 31.46 -19.42
N GLN A 376 3.73 31.76 -20.34
CA GLN A 376 4.92 32.55 -20.00
C GLN A 376 4.57 34.00 -19.71
N GLU A 377 3.72 34.60 -20.55
CA GLU A 377 3.27 35.96 -20.29
C GLU A 377 2.42 36.03 -19.05
N SER A 378 1.59 35.01 -18.79
CA SER A 378 0.84 34.98 -17.55
C SER A 378 1.77 35.02 -16.35
N LYS A 379 2.82 34.17 -16.37
CA LYS A 379 3.83 34.22 -15.32
C LYS A 379 4.42 35.62 -15.16
N LYS A 380 4.73 36.31 -16.28
CA LYS A 380 5.25 37.67 -16.16
C LYS A 380 4.27 38.62 -15.49
N ALA A 381 2.98 38.53 -15.84
CA ALA A 381 2.01 39.40 -15.17
C ALA A 381 1.91 39.08 -13.67
N CYS A 382 1.99 37.80 -13.30
CA CYS A 382 2.05 37.49 -11.86
C CYS A 382 3.25 38.14 -11.20
N LEU A 383 4.43 38.00 -11.81
CA LEU A 383 5.63 38.63 -11.26
C LEU A 383 5.44 40.14 -11.08
N ARG A 384 4.79 40.81 -12.04
CA ARG A 384 4.63 42.27 -11.89
C ARG A 384 3.90 42.62 -10.61
N GLY A 385 3.03 41.73 -10.13
CA GLY A 385 2.43 41.90 -8.82
C GLY A 385 3.41 41.42 -7.77
N GLY A 386 2.87 41.07 -6.62
CA GLY A 386 3.73 40.46 -5.62
C GLY A 386 3.88 38.95 -5.68
N GLY A 387 3.72 38.33 -6.86
CA GLY A 387 3.61 36.88 -6.85
C GLY A 387 4.14 36.09 -8.04
N ASP A 388 3.84 34.80 -8.05
CA ASP A 388 4.20 33.92 -9.16
C ASP A 388 2.92 33.13 -9.49
N LEU A 389 2.98 32.26 -10.51
CA LEU A 389 1.79 31.45 -10.76
C LEU A 389 1.53 30.53 -9.55
N VAL A 390 0.29 30.10 -9.41
CA VAL A 390 -0.14 29.51 -8.15
C VAL A 390 0.40 28.09 -8.03
N SER A 391 1.18 27.85 -6.99
CA SER A 391 1.62 26.51 -6.64
C SER A 391 0.67 25.97 -5.58
N ILE A 392 0.25 24.71 -5.76
CA ILE A 392 -0.86 24.12 -5.03
C ILE A 392 -0.35 22.89 -4.27
N HIS A 393 -0.28 23.00 -2.95
CA HIS A 393 0.21 21.92 -2.10
C HIS A 393 -0.85 21.21 -1.24
N SER A 394 -2.12 21.62 -1.29
CA SER A 394 -3.16 21.02 -0.47
C SER A 394 -4.36 20.65 -1.32
N MET A 395 -5.15 19.68 -0.85
CA MET A 395 -6.45 19.49 -1.48
C MET A 395 -7.41 20.62 -1.09
N ALA A 396 -7.32 21.08 0.15
CA ALA A 396 -8.14 22.22 0.56
C ALA A 396 -7.81 23.44 -0.28
N GLU A 397 -6.52 23.64 -0.55
CA GLU A 397 -6.12 24.73 -1.41
C GLU A 397 -6.66 24.58 -2.82
N LEU A 398 -6.70 23.35 -3.34
CA LEU A 398 -7.24 23.19 -4.69
C LEU A 398 -8.73 23.52 -4.69
N GLU A 399 -9.45 23.19 -3.61
CA GLU A 399 -10.88 23.43 -3.62
C GLU A 399 -11.19 24.91 -3.48
N PHE A 400 -10.42 25.64 -2.68
CA PHE A 400 -10.60 27.08 -2.65
C PHE A 400 -10.32 27.69 -4.02
N ILE A 401 -9.16 27.39 -4.59
CA ILE A 401 -8.83 27.89 -5.92
C ILE A 401 -9.94 27.59 -6.93
N THR A 402 -10.34 26.32 -7.03
CA THR A 402 -11.31 25.93 -8.06
C THR A 402 -12.67 26.60 -7.85
N LYS A 403 -13.23 26.51 -6.62
CA LYS A 403 -14.60 26.95 -6.39
C LYS A 403 -14.72 28.45 -6.13
N GLN A 404 -13.81 29.04 -5.36
CA GLN A 404 -13.91 30.46 -5.04
C GLN A 404 -13.32 31.33 -6.15
N ILE A 405 -12.20 30.92 -6.73
CA ILE A 405 -11.45 31.77 -7.65
C ILE A 405 -11.73 31.40 -9.11
N LYS A 406 -11.41 30.16 -9.51
CA LYS A 406 -11.67 29.78 -10.90
C LYS A 406 -13.14 30.00 -11.26
N GLN A 407 -14.05 29.42 -10.48
CA GLN A 407 -15.51 29.59 -10.65
C GLN A 407 -15.88 29.17 -12.07
N GLU A 408 -16.53 30.03 -12.86
CA GLU A 408 -17.07 29.62 -14.16
C GLU A 408 -16.04 29.54 -15.28
N VAL A 409 -14.81 30.04 -15.08
CA VAL A 409 -13.83 30.01 -16.16
C VAL A 409 -13.40 28.58 -16.38
N GLU A 410 -13.41 28.12 -17.64
CA GLU A 410 -13.22 26.69 -17.85
C GLU A 410 -11.79 26.27 -17.54
N GLU A 411 -10.79 26.94 -18.11
CA GLU A 411 -9.41 26.53 -17.95
C GLU A 411 -8.45 27.72 -17.87
N LEU A 412 -7.47 27.58 -16.97
CA LEU A 412 -6.49 28.62 -16.69
C LEU A 412 -5.13 28.01 -16.35
N TRP A 413 -4.07 28.81 -16.51
CA TRP A 413 -2.72 28.32 -16.19
C TRP A 413 -2.50 28.27 -14.67
N ILE A 414 -1.88 27.18 -14.18
CA ILE A 414 -1.48 27.15 -12.77
C ILE A 414 0.02 27.12 -12.54
N GLY A 415 0.88 27.15 -13.54
CA GLY A 415 2.26 27.28 -13.09
C GLY A 415 3.08 26.01 -12.87
N LEU A 416 2.49 24.83 -13.07
CA LEU A 416 3.17 23.58 -12.84
C LEU A 416 3.65 23.29 -14.25
N ASN A 417 4.90 22.88 -14.42
CA ASN A 417 5.41 22.84 -15.79
C ASN A 417 6.51 21.79 -15.85
N ASP A 418 6.65 21.16 -17.01
CA ASP A 418 7.81 20.30 -17.29
C ASP A 418 8.79 20.91 -18.31
N LEU A 419 8.72 22.22 -18.55
CA LEU A 419 9.67 22.92 -19.42
C LEU A 419 11.14 22.54 -19.30
N LYS A 420 11.65 22.30 -18.09
CA LYS A 420 13.09 22.03 -17.95
C LYS A 420 13.45 20.60 -18.29
N LEU A 421 12.65 19.62 -17.87
CA LEU A 421 12.90 18.22 -18.23
C LEU A 421 11.57 17.50 -18.47
N GLN A 422 11.38 16.96 -19.67
CA GLN A 422 10.10 16.32 -20.01
C GLN A 422 9.69 15.28 -18.98
N MET A 423 8.41 15.33 -18.62
CA MET A 423 7.80 14.46 -17.60
C MET A 423 8.55 14.51 -16.29
N ASN A 424 9.13 15.66 -15.98
CA ASN A 424 9.55 15.98 -14.61
C ASN A 424 8.97 17.34 -14.29
N PHE A 425 7.97 17.37 -13.40
CA PHE A 425 7.15 18.56 -13.23
C PHE A 425 7.57 19.38 -12.03
N GLU A 426 7.54 20.69 -12.20
CA GLU A 426 8.06 21.64 -11.24
C GLU A 426 7.08 22.79 -11.13
N TRP A 427 7.08 23.43 -9.96
CA TRP A 427 6.36 24.68 -9.79
C TRP A 427 7.25 25.81 -10.25
N SER A 428 6.66 26.81 -10.92
CA SER A 428 7.48 27.93 -11.37
C SER A 428 8.14 28.65 -10.19
N ASP A 429 7.55 28.60 -9.00
CA ASP A 429 8.10 29.30 -7.86
C ASP A 429 9.13 28.46 -7.11
N GLY A 430 9.54 27.31 -7.65
CA GLY A 430 10.58 26.53 -7.01
C GLY A 430 10.14 25.75 -5.80
N SER A 431 8.87 25.86 -5.41
CA SER A 431 8.33 25.08 -4.32
C SER A 431 8.29 23.58 -4.67
N LEU A 432 8.53 22.75 -3.67
CA LEU A 432 8.44 21.30 -3.86
C LEU A 432 7.06 20.90 -4.38
N VAL A 433 7.04 19.92 -5.28
CA VAL A 433 5.77 19.40 -5.75
C VAL A 433 5.40 18.34 -4.73
N SER A 434 4.49 18.66 -3.83
CA SER A 434 4.09 17.66 -2.85
C SER A 434 2.78 16.98 -3.18
N PHE A 435 1.97 17.53 -4.07
CA PHE A 435 0.81 16.75 -4.48
C PHE A 435 0.38 17.23 -5.86
N THR A 436 -0.37 16.38 -6.54
CA THR A 436 -0.89 16.62 -7.87
C THR A 436 -2.34 16.19 -7.88
N HIS A 437 -3.15 16.78 -8.75
CA HIS A 437 -4.44 16.20 -9.08
C HIS A 437 -4.60 16.31 -10.59
N TRP A 438 -4.46 15.19 -11.29
CA TRP A 438 -4.48 15.17 -12.75
C TRP A 438 -5.82 14.66 -13.28
N HIS A 439 -6.24 15.21 -14.42
CA HIS A 439 -7.24 14.52 -15.21
C HIS A 439 -6.73 13.12 -15.56
N PRO A 440 -7.63 12.15 -15.69
CA PRO A 440 -7.24 10.83 -16.15
C PRO A 440 -6.48 10.89 -17.48
N PHE A 441 -5.55 9.94 -17.63
CA PHE A 441 -4.64 9.77 -18.76
C PHE A 441 -3.73 10.97 -18.96
N GLU A 442 -3.92 12.04 -18.20
CA GLU A 442 -2.93 13.10 -18.11
C GLU A 442 -1.81 12.84 -17.10
N PRO A 443 -0.65 13.51 -17.26
CA PRO A 443 -0.17 14.31 -18.39
C PRO A 443 0.20 13.38 -19.56
N ASN A 444 -0.30 13.64 -20.78
CA ASN A 444 0.13 12.85 -21.92
C ASN A 444 1.07 13.45 -22.97
N ASN A 445 1.44 14.75 -22.93
CA ASN A 445 2.12 15.26 -24.14
C ASN A 445 1.30 14.75 -25.32
N PHE A 446 0.13 15.35 -25.57
CA PHE A 446 -0.89 14.72 -26.41
C PHE A 446 -0.51 14.61 -27.87
N ARG A 447 -0.88 13.45 -28.45
CA ARG A 447 -0.67 13.13 -29.86
C ARG A 447 0.80 13.29 -30.19
N ASP A 448 1.65 13.02 -29.20
CA ASP A 448 3.09 13.24 -29.25
C ASP A 448 3.41 14.66 -29.76
N SER A 449 3.09 15.61 -28.89
CA SER A 449 3.45 17.01 -29.05
C SER A 449 3.97 17.49 -27.70
N LEU A 450 4.81 18.53 -27.73
CA LEU A 450 5.27 19.10 -26.48
C LEU A 450 4.11 19.78 -25.79
N GLU A 451 3.77 19.30 -24.59
CA GLU A 451 2.84 20.00 -23.71
C GLU A 451 3.63 20.22 -22.43
N ASP A 452 4.10 21.44 -22.26
CA ASP A 452 5.03 21.77 -21.21
C ASP A 452 4.43 22.54 -20.04
N CYS A 453 3.14 22.90 -20.06
CA CYS A 453 2.63 23.74 -18.98
C CYS A 453 1.26 23.26 -18.53
N VAL A 454 0.95 23.44 -17.25
CA VAL A 454 -0.22 22.77 -16.66
C VAL A 454 -1.34 23.78 -16.45
N THR A 455 -2.56 23.40 -16.82
CA THR A 455 -3.75 24.19 -16.61
C THR A 455 -4.68 23.46 -15.65
N ILE A 456 -5.44 24.22 -14.87
CA ILE A 456 -6.65 23.66 -14.26
C ILE A 456 -7.78 23.78 -15.28
N TRP A 457 -8.63 22.75 -15.30
CA TRP A 457 -9.65 22.50 -16.29
C TRP A 457 -10.84 21.87 -15.60
N GLY A 458 -12.04 22.21 -16.06
CA GLY A 458 -13.26 21.53 -15.67
C GLY A 458 -13.70 21.73 -14.24
N PRO A 459 -14.88 21.18 -13.91
CA PRO A 459 -15.45 21.42 -12.57
C PRO A 459 -14.50 21.06 -11.45
N GLU A 460 -13.85 19.89 -11.54
CA GLU A 460 -13.18 19.25 -10.42
C GLU A 460 -11.83 19.85 -10.12
N GLY A 461 -11.30 20.67 -11.03
CA GLY A 461 -10.02 21.30 -10.81
C GLY A 461 -8.86 20.37 -11.06
N ARG A 462 -9.08 19.27 -11.79
CA ARG A 462 -8.00 18.40 -12.20
C ARG A 462 -7.17 19.06 -13.31
N TRP A 463 -5.94 18.56 -13.47
CA TRP A 463 -4.90 19.28 -14.19
C TRP A 463 -4.62 18.64 -15.53
N ASN A 464 -4.23 19.48 -16.49
CA ASN A 464 -3.87 19.01 -17.82
C ASN A 464 -2.55 19.65 -18.23
N ASP A 465 -1.73 18.89 -18.95
CA ASP A 465 -0.58 19.51 -19.60
C ASP A 465 -0.96 19.98 -21.01
N SER A 466 -0.44 21.14 -21.38
CA SER A 466 -0.88 21.88 -22.55
C SER A 466 0.31 22.58 -23.20
N PRO A 467 0.22 22.82 -24.52
CA PRO A 467 1.20 23.68 -25.18
C PRO A 467 1.18 25.04 -24.55
N CYS A 468 2.38 25.60 -24.32
CA CYS A 468 2.46 26.82 -23.55
C CYS A 468 2.13 28.06 -24.38
N ASN A 469 2.06 27.96 -25.70
CA ASN A 469 1.68 29.15 -26.45
C ASN A 469 0.17 29.36 -26.48
N GLN A 470 -0.58 28.55 -25.74
CA GLN A 470 -2.02 28.70 -25.70
C GLN A 470 -2.43 29.85 -24.79
N SER A 471 -3.44 30.58 -25.21
CA SER A 471 -3.79 31.84 -24.58
C SER A 471 -4.97 31.64 -23.64
N LEU A 472 -4.72 31.71 -22.32
CA LEU A 472 -5.71 31.41 -21.30
C LEU A 472 -5.60 32.37 -20.12
N PRO A 473 -6.52 32.33 -19.17
CA PRO A 473 -6.37 33.10 -17.93
C PRO A 473 -5.45 32.36 -16.96
N SER A 474 -5.28 32.92 -15.75
CA SER A 474 -4.35 32.32 -14.79
C SER A 474 -4.68 32.77 -13.38
N ILE A 475 -3.96 32.20 -12.39
CA ILE A 475 -4.13 32.54 -10.97
C ILE A 475 -2.76 32.73 -10.31
N CYS A 476 -2.64 33.73 -9.43
CA CYS A 476 -1.37 34.03 -8.76
C CYS A 476 -1.52 33.84 -7.26
N LYS A 477 -0.38 33.66 -6.58
CA LYS A 477 -0.29 33.66 -5.13
C LYS A 477 1.00 34.32 -4.69
N LYS A 478 0.93 35.01 -3.53
CA LYS A 478 2.10 35.51 -2.78
C LYS A 478 2.07 35.15 -1.28
CA CA B . 5.65 17.93 -21.49
CA CA C . -2.62 16.97 -22.13
NA NA D . 1.11 -2.73 -21.59
C1 NAG E . -3.44 -14.74 34.90
C2 NAG E . -3.37 -13.50 35.83
C3 NAG E . -2.01 -13.43 36.56
C4 NAG E . -1.68 -14.77 37.23
C5 NAG E . -1.74 -15.88 36.20
C6 NAG E . -1.42 -17.24 36.77
C7 NAG E . -4.51 -11.37 35.32
C8 NAG E . -4.57 -10.18 34.39
N2 NAG E . -3.58 -12.28 35.05
O3 NAG E . -2.03 -12.38 37.53
O4 NAG E . -0.37 -14.73 37.80
O5 NAG E . -3.07 -15.93 35.66
O6 NAG E . -0.04 -17.39 37.04
O7 NAG E . -5.28 -11.49 36.27
C1 NAG F . 2.24 27.01 -31.13
C2 NAG F . 1.12 27.29 -32.16
C3 NAG F . 1.21 26.30 -33.34
C4 NAG F . 2.60 26.30 -33.95
C5 NAG F . 3.64 26.00 -32.88
C6 NAG F . 5.07 26.02 -33.38
C7 NAG F . -0.83 28.30 -31.08
C8 NAG F . -2.17 28.03 -30.46
N2 NAG F . -0.18 27.21 -31.54
O3 NAG F . 0.25 26.62 -34.33
O4 NAG F . 2.66 25.33 -34.99
O5 NAG F . 3.55 26.96 -31.81
O6 NAG F . 5.47 27.29 -33.88
O7 NAG F . -0.35 29.42 -31.16
OH2 1PE G . 25.44 0.34 -22.23
C12 1PE G . 24.81 1.44 -22.91
C22 1PE G . 23.54 1.82 -22.18
OH3 1PE G . 22.56 0.83 -22.47
C13 1PE G . 20.36 0.77 -23.40
C23 1PE G . 21.23 1.28 -22.26
OH4 1PE G . 18.97 0.94 -23.08
C14 1PE G . 16.75 0.20 -23.77
C24 1PE G . 18.12 0.72 -24.21
OH5 1PE G . 15.75 0.59 -24.71
C15 1PE G . 13.89 -0.07 -26.10
C25 1PE G . 14.71 -0.37 -24.86
OH6 1PE G . 13.48 -1.30 -26.72
C16 1PE G . 12.52 -2.43 -28.64
C26 1PE G . 13.06 -1.12 -28.08
OH7 1PE G . 11.61 -2.98 -27.67
C48 PE5 H . 19.67 -28.27 11.72
C50 PE5 H . 18.73 -28.21 10.52
O1 PE5 H . 18.62 -26.89 10.03
C1 PE5 H . 17.30 -26.49 9.77
C2 PE5 H . 17.15 -25.77 8.44
O2 PE5 H . 16.28 -24.67 8.56
C3 PE5 H . 16.44 -23.67 7.58
C4 PE5 H . 17.93 -23.30 7.47
O3 PE5 H . 18.31 -23.20 6.12
C5 PE5 H . 19.66 -22.94 5.90
C6 PE5 H . 19.86 -21.79 4.88
O4 PE5 H . 20.70 -20.81 5.44
C7 PE5 H . 20.81 -19.61 4.72
C8 PE5 H . 22.23 -19.04 4.83
O5 PE5 H . 22.74 -18.72 3.55
C9 PE5 H . 22.61 -19.75 2.61
C10 PE5 H . 21.86 -19.28 1.36
O6 PE5 H . 22.58 -18.25 0.73
C11 PE5 H . 21.93 -17.01 0.71
C12 PE5 H . 22.93 -15.87 0.92
O7 PE5 H . 22.53 -14.74 0.21
C13 PE5 H . 22.97 -13.52 0.75
C14 PE5 H . 21.76 -12.74 1.28
O8 PE5 H . 22.11 -12.09 2.47
C15 PE5 H . 21.06 -11.40 3.11
C16 PE5 H . 19.92 -12.37 3.47
O52 PE5 H . 20.30 -13.25 4.48
#